data_8V95
#
_entry.id   8V95
#
_cell.length_a   67.230
_cell.length_b   78.428
_cell.length_c   115.387
_cell.angle_alpha   90.00
_cell.angle_beta   90.00
_cell.angle_gamma   90.00
#
_symmetry.space_group_name_H-M   'P 21 21 21'
#
loop_
_entity.id
_entity.type
_entity.pdbx_description
1 polymer 'Capsid protein (Fragment)'
2 non-polymer 1,2-ETHANEDIOL
3 water water
#
_entity_poly.entity_id   1
_entity_poly.type   'polypeptide(L)'
_entity_poly.pdbx_seq_one_letter_code
;MKMASNDAAPSNDGAAGLVPEINHEVMAIEPVAGASLAAPVVGQLNIIDPWIRNNFVQAPAGEFTVSPRNAPGEFLLDLE
LGPELNPYLAHLARMYNGHAGGMEVQIVLAGNAFTAGKILFAVIPPGFPYENLSPAQLTMCPHVVVDVRQLEPILLPMPD
IRNTFFHYNQSNGPKRRLVAMLYTPLRANNAGDDVFTVSCRVLTRPSPDFEFNFLVPPSVESKTKAFTLPVLKISEMTNS
RFPIPVDQMYTSRNENIVVQPQNGRVTLDGELQGTTTLQPVSICGFRGTLQTRLADQPNYTYQVHLENLDGSPVDPTDEV
PAPLGTPDFQAQLFGVISQRSSDNATRAHEARVNTNDPTFAPQIAQVRFKSPSTDFSDNEPIKFTPVGISVDSQNSYNQW
LLPRYGGHLTNNTHLAPSVSPMFPGEQILFFRSFMPGAGGFTDGAIDCLLPQEWVAHFYQEAATAQTDVALIRFVNPDTG
RVLFEGKLHKQGFITISNSGDHPIVMPANGYFRFEAWVKQFYSLAPVGTGSGRRRVQ
;
_entity_poly.pdbx_strand_id   A,B
#
# COMPACT_ATOMS: atom_id res chain seq x y z
N PHE A 227 8.13 -25.23 -2.76
CA PHE A 227 7.98 -23.88 -3.30
C PHE A 227 6.54 -23.60 -3.70
N THR A 228 6.00 -22.49 -3.20
CA THR A 228 4.63 -22.10 -3.49
C THR A 228 4.61 -20.71 -4.08
N LEU A 229 3.58 -20.45 -4.88
CA LEU A 229 3.23 -19.16 -5.45
C LEU A 229 1.89 -18.72 -4.86
N PRO A 230 1.73 -17.46 -4.44
CA PRO A 230 0.40 -17.01 -4.00
C PRO A 230 -0.63 -17.18 -5.09
N VAL A 231 -1.88 -17.37 -4.69
CA VAL A 231 -2.96 -17.70 -5.62
C VAL A 231 -3.78 -16.45 -6.01
N LEU A 232 -3.24 -15.26 -5.78
CA LEU A 232 -4.00 -14.03 -6.03
C LEU A 232 -4.25 -13.81 -7.53
N LYS A 233 -5.45 -13.31 -7.85
CA LYS A 233 -5.76 -12.88 -9.22
C LYS A 233 -4.99 -11.62 -9.56
N ILE A 234 -4.89 -11.33 -10.86
CA ILE A 234 -4.26 -10.07 -11.27
C ILE A 234 -4.90 -8.90 -10.54
N SER A 235 -6.24 -8.89 -10.48
CA SER A 235 -6.96 -7.81 -9.82
C SER A 235 -6.71 -7.73 -8.32
N GLU A 236 -6.04 -8.73 -7.74
CA GLU A 236 -5.78 -8.75 -6.31
C GLU A 236 -4.31 -8.46 -5.97
N MET A 237 -3.52 -8.09 -6.98
CA MET A 237 -2.09 -7.85 -6.88
C MET A 237 -1.76 -6.37 -6.73
N THR A 238 -0.65 -6.09 -6.07
CA THR A 238 -0.10 -4.75 -5.92
C THR A 238 1.18 -4.64 -6.75
N ASN A 239 1.30 -3.53 -7.48
CA ASN A 239 2.54 -3.29 -8.22
C ASN A 239 3.68 -3.13 -7.22
N SER A 240 4.84 -3.74 -7.51
CA SER A 240 5.94 -3.65 -6.57
C SER A 240 6.86 -2.47 -6.85
N ARG A 241 6.54 -1.64 -7.84
CA ARG A 241 7.37 -0.48 -8.13
C ARG A 241 6.65 0.84 -7.88
N PHE A 242 5.36 0.80 -7.59
CA PHE A 242 4.60 1.98 -7.22
C PHE A 242 3.37 1.49 -6.47
N PRO A 243 2.95 2.16 -5.39
CA PRO A 243 1.91 1.58 -4.51
C PRO A 243 0.50 1.78 -5.06
N ILE A 244 0.22 1.06 -6.13
CA ILE A 244 -1.10 0.98 -6.76
C ILE A 244 -1.33 -0.47 -7.20
N PRO A 245 -2.59 -0.85 -7.39
CA PRO A 245 -2.86 -2.21 -7.87
C PRO A 245 -2.31 -2.47 -9.26
N VAL A 246 -2.01 -3.74 -9.55
CA VAL A 246 -1.65 -4.14 -10.90
C VAL A 246 -2.86 -3.96 -11.80
N ASP A 247 -2.65 -3.35 -12.98
CA ASP A 247 -3.74 -3.20 -13.93
C ASP A 247 -3.79 -4.33 -14.96
N GLN A 248 -2.64 -4.83 -15.41
CA GLN A 248 -2.64 -5.81 -16.48
C GLN A 248 -1.30 -6.51 -16.50
N MET A 249 -1.29 -7.71 -17.08
CA MET A 249 -0.05 -8.33 -17.46
C MET A 249 0.41 -7.72 -18.77
N TYR A 250 1.72 -7.60 -18.95
CA TYR A 250 2.25 -6.85 -20.08
C TYR A 250 3.59 -7.45 -20.48
N THR A 251 3.87 -7.46 -21.78
CA THR A 251 5.16 -7.91 -22.26
C THR A 251 5.67 -6.93 -23.30
N SER A 252 6.99 -6.77 -23.37
CA SER A 252 7.60 -5.94 -24.40
C SER A 252 9.03 -6.39 -24.64
N ARG A 253 9.60 -5.90 -25.76
CA ARG A 253 10.94 -6.30 -26.15
C ARG A 253 12.02 -5.55 -25.38
N ASN A 254 11.79 -4.25 -25.12
CA ASN A 254 12.75 -3.41 -24.42
C ASN A 254 14.14 -3.43 -25.07
N GLU A 255 14.17 -3.25 -26.39
CA GLU A 255 15.45 -3.17 -27.08
C GLU A 255 16.23 -1.95 -26.60
N ASN A 256 17.55 -2.09 -26.51
CA ASN A 256 18.46 -0.99 -26.17
C ASN A 256 18.21 -0.43 -24.77
N ILE A 257 17.75 -1.28 -23.86
CA ILE A 257 17.45 -0.88 -22.49
C ILE A 257 18.03 -1.94 -21.57
N VAL A 258 18.77 -1.50 -20.55
CA VAL A 258 19.18 -2.39 -19.47
C VAL A 258 18.02 -2.37 -18.47
N VAL A 259 17.24 -3.45 -18.45
CA VAL A 259 16.09 -3.56 -17.55
C VAL A 259 16.63 -3.91 -16.17
N GLN A 260 16.60 -2.94 -15.27
CA GLN A 260 17.23 -3.25 -14.00
C GLN A 260 16.46 -2.51 -12.91
N PRO A 261 15.15 -2.75 -12.79
CA PRO A 261 14.41 -2.09 -11.70
C PRO A 261 15.03 -2.47 -10.36
N GLN A 262 14.91 -1.56 -9.39
CA GLN A 262 15.48 -1.81 -8.06
C GLN A 262 14.45 -2.04 -6.98
N ASN A 263 13.19 -1.70 -7.23
CA ASN A 263 12.09 -2.09 -6.37
C ASN A 263 11.43 -3.33 -6.94
N GLY A 264 10.83 -4.12 -6.05
CA GLY A 264 10.21 -5.36 -6.48
C GLY A 264 11.21 -6.42 -6.85
N ARG A 265 12.35 -6.47 -6.15
CA ARG A 265 13.46 -7.34 -6.48
C ARG A 265 13.70 -8.32 -5.35
N VAL A 266 13.50 -9.61 -5.61
CA VAL A 266 13.79 -10.64 -4.63
C VAL A 266 14.10 -11.91 -5.41
N THR A 267 14.97 -12.75 -4.85
CA THR A 267 15.19 -14.03 -5.51
C THR A 267 14.13 -15.03 -5.06
N LEU A 268 14.03 -16.14 -5.78
CA LEU A 268 13.05 -17.14 -5.37
C LEU A 268 13.39 -17.70 -4.00
N ASP A 269 14.65 -17.59 -3.57
CA ASP A 269 15.11 -18.02 -2.25
C ASP A 269 14.73 -17.05 -1.14
N GLY A 270 14.16 -15.89 -1.48
CA GLY A 270 13.79 -14.93 -0.46
C GLY A 270 14.81 -13.85 -0.18
N GLU A 271 15.84 -13.70 -0.99
CA GLU A 271 16.87 -12.68 -0.76
C GLU A 271 16.41 -11.38 -1.42
N LEU A 272 16.06 -10.40 -0.59
CA LEU A 272 15.68 -9.09 -1.10
C LEU A 272 16.87 -8.41 -1.74
N GLN A 273 16.61 -7.63 -2.78
CA GLN A 273 17.68 -6.98 -3.51
C GLN A 273 17.31 -5.54 -3.79
N GLY A 274 18.30 -4.78 -4.26
CA GLY A 274 18.03 -3.41 -4.65
C GLY A 274 17.52 -2.60 -3.49
N THR A 275 16.49 -1.79 -3.75
CA THR A 275 15.91 -0.93 -2.73
C THR A 275 14.58 -1.48 -2.23
N THR A 276 14.36 -2.77 -2.36
CA THR A 276 13.04 -3.33 -2.12
C THR A 276 12.70 -3.24 -0.64
N THR A 277 11.55 -2.64 -0.37
CA THR A 277 10.96 -2.60 0.97
C THR A 277 9.83 -3.61 1.01
N LEU A 278 9.60 -4.19 2.20
CA LEU A 278 8.46 -5.08 2.38
C LEU A 278 7.16 -4.30 2.52
N GLN A 279 7.22 -3.04 2.96
CA GLN A 279 6.06 -2.17 3.13
C GLN A 279 5.51 -1.76 1.75
N PRO A 280 4.43 -2.36 1.27
CA PRO A 280 3.91 -2.03 -0.06
C PRO A 280 3.45 -0.60 -0.21
N VAL A 281 2.86 -0.04 0.86
CA VAL A 281 2.41 1.34 0.85
C VAL A 281 3.55 2.34 0.90
N SER A 282 4.77 1.89 1.16
CA SER A 282 5.91 2.78 1.29
C SER A 282 6.81 2.80 0.07
N ILE A 283 6.49 2.03 -0.96
CA ILE A 283 7.24 2.10 -2.21
C ILE A 283 7.17 3.51 -2.77
N CYS A 284 8.32 4.06 -3.15
CA CYS A 284 8.45 5.43 -3.64
C CYS A 284 8.11 6.48 -2.58
N GLY A 285 8.02 6.10 -1.31
CA GLY A 285 7.82 7.04 -0.23
C GLY A 285 9.13 7.18 0.53
N PHE A 286 9.16 8.18 1.40
CA PHE A 286 10.33 8.29 2.25
C PHE A 286 10.00 9.11 3.47
N ARG A 287 10.89 8.98 4.45
CA ARG A 287 10.83 9.67 5.73
C ARG A 287 12.12 10.44 5.86
N GLY A 288 12.10 11.50 6.65
CA GLY A 288 13.31 12.25 6.86
C GLY A 288 13.03 13.45 7.72
N THR A 289 13.98 14.38 7.68
CA THR A 289 13.91 15.60 8.44
C THR A 289 14.01 16.77 7.48
N LEU A 290 13.07 17.68 7.57
CA LEU A 290 13.18 18.91 6.78
C LEU A 290 14.31 19.75 7.36
N GLN A 291 15.32 20.06 6.54
CA GLN A 291 16.41 20.90 7.03
C GLN A 291 16.02 22.37 6.92
N THR A 292 15.96 22.89 5.69
CA THR A 292 15.62 24.29 5.48
C THR A 292 14.93 24.45 4.14
N ARG A 293 14.27 25.58 3.97
CA ARG A 293 13.90 26.05 2.65
C ARG A 293 15.14 26.64 1.98
N LEU A 294 15.32 26.31 0.70
CA LEU A 294 16.47 26.83 -0.07
C LEU A 294 16.02 28.08 -0.82
N ALA A 295 16.40 29.24 -0.29
CA ALA A 295 15.93 30.51 -0.85
C ALA A 295 16.42 30.76 -2.27
N ASP A 296 17.54 30.16 -2.66
CA ASP A 296 18.14 30.34 -3.99
C ASP A 296 17.47 29.52 -5.09
N GLN A 297 16.55 28.64 -4.76
CA GLN A 297 15.94 27.72 -5.71
C GLN A 297 14.51 28.15 -6.02
N PRO A 298 13.89 27.50 -7.00
CA PRO A 298 12.52 27.88 -7.38
C PRO A 298 11.55 27.75 -6.21
N ASN A 299 10.53 28.62 -6.20
CA ASN A 299 9.49 28.58 -5.18
C ASN A 299 8.72 27.26 -5.23
N TYR A 300 8.65 26.53 -4.12
CA TYR A 300 9.46 26.70 -2.91
C TYR A 300 10.18 25.36 -2.73
N THR A 301 11.50 25.41 -2.60
CA THR A 301 12.34 24.21 -2.60
C THR A 301 12.96 24.01 -1.22
N TYR A 302 12.89 22.77 -0.73
CA TYR A 302 13.30 22.41 0.61
C TYR A 302 14.32 21.29 0.53
N GLN A 303 15.31 21.32 1.43
CA GLN A 303 16.27 20.24 1.58
C GLN A 303 15.83 19.28 2.66
N VAL A 304 15.83 17.98 2.35
CA VAL A 304 15.46 16.93 3.29
C VAL A 304 16.70 16.09 3.57
N HIS A 305 16.87 15.73 4.84
CA HIS A 305 17.84 14.73 5.27
C HIS A 305 17.09 13.44 5.51
N LEU A 306 17.27 12.46 4.62
CA LEU A 306 16.50 11.24 4.65
C LEU A 306 16.83 10.42 5.90
N GLU A 307 15.86 9.62 6.32
CA GLU A 307 16.10 8.48 7.20
C GLU A 307 15.49 7.26 6.50
N ASN A 308 15.64 6.09 7.08
CA ASN A 308 15.01 4.92 6.51
C ASN A 308 13.53 4.86 6.88
N LEU A 309 12.79 4.07 6.10
CA LEU A 309 11.36 3.92 6.29
C LEU A 309 11.03 3.38 7.69
N ASP A 310 11.90 2.56 8.25
CA ASP A 310 11.68 2.03 9.60
C ASP A 310 12.20 2.97 10.68
N GLY A 311 12.59 4.20 10.32
CA GLY A 311 13.03 5.20 11.26
C GLY A 311 14.50 5.17 11.61
N SER A 312 15.23 4.12 11.21
CA SER A 312 16.67 4.08 11.45
C SER A 312 17.39 5.06 10.53
N PRO A 313 18.53 5.59 10.96
CA PRO A 313 19.27 6.50 10.10
C PRO A 313 19.86 5.79 8.90
N VAL A 314 19.99 6.54 7.80
CA VAL A 314 20.62 5.99 6.60
C VAL A 314 22.07 5.69 6.89
N ASP A 315 22.48 4.46 6.62
CA ASP A 315 23.88 4.05 6.72
C ASP A 315 24.36 3.79 5.31
N PRO A 316 25.12 4.70 4.70
CA PRO A 316 25.44 4.57 3.27
C PRO A 316 26.28 3.34 2.95
N THR A 317 26.92 2.73 3.95
CA THR A 317 27.67 1.50 3.71
C THR A 317 26.78 0.26 3.69
N ASP A 318 25.49 0.39 3.96
CA ASP A 318 24.58 -0.73 3.72
C ASP A 318 24.68 -1.16 2.26
N GLU A 319 24.56 -2.47 2.03
CA GLU A 319 24.67 -3.02 0.68
C GLU A 319 23.35 -2.85 -0.08
N VAL A 320 23.02 -1.57 -0.29
CA VAL A 320 21.83 -1.18 -1.06
C VAL A 320 22.19 0.01 -1.92
N PRO A 321 21.52 0.17 -3.05
CA PRO A 321 21.80 1.34 -3.90
C PRO A 321 21.38 2.64 -3.25
N ALA A 322 20.42 2.58 -2.34
CA ALA A 322 19.79 3.75 -1.76
C ALA A 322 18.84 3.24 -0.68
N PRO A 323 18.30 4.12 0.15
CA PRO A 323 17.38 3.66 1.21
C PRO A 323 16.22 2.88 0.62
N LEU A 324 15.79 1.84 1.35
CA LEU A 324 14.69 1.03 0.86
C LEU A 324 13.49 1.92 0.59
N GLY A 325 12.80 1.65 -0.52
CA GLY A 325 11.66 2.43 -0.94
C GLY A 325 11.96 3.52 -1.95
N THR A 326 13.23 3.90 -2.09
CA THR A 326 13.59 4.97 -3.03
C THR A 326 13.06 4.64 -4.44
N PRO A 327 12.52 5.62 -5.15
CA PRO A 327 12.06 5.37 -6.53
C PRO A 327 13.21 4.88 -7.40
N ASP A 328 12.89 3.98 -8.32
CA ASP A 328 13.89 3.39 -9.21
C ASP A 328 13.69 3.84 -10.67
N PHE A 329 13.19 5.06 -10.86
CA PHE A 329 12.99 5.61 -12.20
C PHE A 329 13.23 7.11 -12.16
N GLN A 330 13.45 7.67 -13.35
CA GLN A 330 13.70 9.09 -13.52
C GLN A 330 12.36 9.77 -13.82
N ALA A 331 11.95 10.69 -12.97
CA ALA A 331 10.70 11.40 -13.18
C ALA A 331 10.65 12.57 -12.23
N GLN A 332 9.66 13.43 -12.44
CA GLN A 332 9.22 14.34 -11.39
C GLN A 332 8.15 13.59 -10.60
N LEU A 333 8.54 13.03 -9.47
CA LEU A 333 7.59 12.27 -8.68
C LEU A 333 6.69 13.24 -7.92
N PHE A 334 5.38 13.01 -7.97
CA PHE A 334 4.41 13.89 -7.33
C PHE A 334 3.77 13.20 -6.12
N GLY A 335 3.61 13.93 -5.03
CA GLY A 335 2.97 13.40 -3.86
C GLY A 335 2.75 14.48 -2.83
N VAL A 336 2.74 14.10 -1.55
CA VAL A 336 2.46 15.04 -0.46
C VAL A 336 3.56 14.89 0.57
N ILE A 337 4.13 16.01 0.98
CA ILE A 337 4.99 16.04 2.15
C ILE A 337 4.13 16.42 3.34
N SER A 338 4.15 15.58 4.37
CA SER A 338 3.43 15.88 5.60
C SER A 338 4.44 16.03 6.73
N GLN A 339 4.06 16.80 7.75
CA GLN A 339 4.92 17.10 8.89
C GLN A 339 4.12 17.05 10.17
N ARG A 340 4.74 16.56 11.24
CA ARG A 340 4.15 16.60 12.56
C ARG A 340 5.14 17.28 13.50
N SER A 341 4.67 18.34 14.17
CA SER A 341 5.50 19.12 15.08
C SER A 341 5.56 18.46 16.45
N SER A 342 6.42 18.99 17.32
CA SER A 342 6.62 18.37 18.63
C SER A 342 5.35 18.45 19.47
N ASP A 343 4.55 19.49 19.28
CA ASP A 343 3.28 19.63 19.97
C ASP A 343 2.14 18.95 19.23
N ASN A 344 2.45 18.07 18.28
CA ASN A 344 1.46 17.36 17.46
C ASN A 344 0.72 18.27 16.49
N ALA A 345 1.15 19.51 16.30
CA ALA A 345 0.66 20.29 15.18
C ALA A 345 1.10 19.62 13.88
N THR A 346 0.24 19.67 12.87
CA THR A 346 0.52 18.99 11.62
C THR A 346 0.28 19.93 10.45
N ARG A 347 0.87 19.57 9.32
CA ARG A 347 0.68 20.29 8.07
C ARG A 347 1.15 19.38 6.94
N ALA A 348 0.55 19.55 5.78
CA ALA A 348 0.88 18.71 4.63
C ALA A 348 0.54 19.48 3.36
N HIS A 349 1.40 19.36 2.35
CA HIS A 349 1.23 20.09 1.10
C HIS A 349 1.77 19.27 -0.05
N GLU A 350 1.23 19.52 -1.25
CA GLU A 350 1.73 18.74 -2.38
C GLU A 350 3.19 19.06 -2.61
N ALA A 351 3.89 18.10 -3.21
CA ALA A 351 5.33 18.21 -3.37
C ALA A 351 5.74 17.41 -4.60
N ARG A 352 6.81 17.86 -5.24
CA ARG A 352 7.39 17.16 -6.38
C ARG A 352 8.86 16.90 -6.10
N VAL A 353 9.30 15.67 -6.38
CA VAL A 353 10.67 15.24 -6.18
C VAL A 353 11.24 14.86 -7.54
N ASN A 354 12.23 15.60 -8.01
CA ASN A 354 12.84 15.34 -9.31
C ASN A 354 13.95 14.30 -9.11
N THR A 355 13.66 13.05 -9.46
CA THR A 355 14.67 12.01 -9.26
C THR A 355 15.80 12.05 -10.28
N ASN A 356 15.71 12.95 -11.26
CA ASN A 356 16.74 13.14 -12.28
C ASN A 356 17.60 14.37 -12.02
N ASP A 357 17.36 15.08 -10.93
CA ASP A 357 18.20 16.24 -10.67
C ASP A 357 19.54 15.80 -10.09
N PRO A 358 20.64 16.49 -10.45
CA PRO A 358 21.94 16.12 -9.84
C PRO A 358 21.93 16.14 -8.33
N THR A 359 21.11 16.98 -7.70
CA THR A 359 21.12 17.02 -6.25
C THR A 359 20.38 15.85 -5.62
N PHE A 360 19.63 15.07 -6.41
CA PHE A 360 18.93 13.90 -5.87
C PHE A 360 19.97 12.86 -5.48
N ALA A 361 20.21 12.73 -4.20
CA ALA A 361 21.30 11.89 -3.70
C ALA A 361 20.82 11.05 -2.53
N PRO A 362 19.76 10.26 -2.71
CA PRO A 362 19.19 9.55 -1.56
C PRO A 362 20.18 8.58 -0.92
N GLN A 363 21.13 8.03 -1.69
CA GLN A 363 22.09 7.09 -1.12
C GLN A 363 22.88 7.71 0.03
N ILE A 364 23.10 9.01 -0.02
CA ILE A 364 23.74 9.71 1.09
C ILE A 364 22.75 10.62 1.81
N ALA A 365 21.45 10.29 1.69
CA ALA A 365 20.38 10.84 2.54
C ALA A 365 20.06 12.30 2.21
N GLN A 366 20.35 12.75 0.99
CA GLN A 366 20.03 14.13 0.61
C GLN A 366 19.09 14.15 -0.58
N VAL A 367 17.91 14.75 -0.38
CA VAL A 367 16.88 14.83 -1.41
C VAL A 367 16.15 16.16 -1.23
N ARG A 368 15.80 16.80 -2.33
CA ARG A 368 15.05 18.05 -2.30
C ARG A 368 13.64 17.81 -2.83
N PHE A 369 12.71 18.63 -2.37
CA PHE A 369 11.39 18.65 -2.98
C PHE A 369 10.97 20.10 -3.20
N LYS A 370 10.07 20.27 -4.15
CA LYS A 370 9.52 21.58 -4.46
C LYS A 370 8.03 21.53 -4.18
N SER A 371 7.53 22.56 -3.51
CA SER A 371 6.13 22.64 -3.11
C SER A 371 5.66 24.05 -3.39
N PRO A 372 4.38 24.21 -3.75
CA PRO A 372 3.83 25.57 -3.88
C PRO A 372 3.62 26.26 -2.54
N SER A 373 3.80 25.55 -1.42
CA SER A 373 3.59 26.10 -0.09
C SER A 373 4.91 26.50 0.57
N THR A 374 4.86 27.60 1.31
CA THR A 374 5.94 27.98 2.22
C THR A 374 5.76 27.38 3.59
N ASP A 375 4.71 26.60 3.81
CA ASP A 375 4.30 26.24 5.16
C ASP A 375 4.91 24.90 5.57
N PHE A 376 6.23 24.92 5.75
CA PHE A 376 6.98 23.81 6.34
C PHE A 376 7.96 24.32 7.39
N SER A 377 8.15 23.55 8.47
CA SER A 377 9.02 23.95 9.57
C SER A 377 10.38 23.25 9.51
N ASP A 378 11.44 24.01 9.79
CA ASP A 378 12.78 23.43 9.83
C ASP A 378 12.95 22.48 11.00
N ASN A 379 13.85 21.51 10.84
CA ASN A 379 14.21 20.53 11.85
C ASN A 379 13.03 19.69 12.30
N GLU A 380 11.97 19.64 11.51
CA GLU A 380 10.88 18.77 11.95
C GLU A 380 10.73 17.59 10.99
N PRO A 381 10.19 16.47 11.48
CA PRO A 381 10.14 15.27 10.65
C PRO A 381 9.09 15.37 9.55
N ILE A 382 9.44 14.81 8.38
CA ILE A 382 8.53 14.77 7.25
C ILE A 382 8.34 13.33 6.78
N LYS A 383 7.25 13.14 6.05
CA LYS A 383 6.96 11.92 5.32
C LYS A 383 6.52 12.31 3.91
N PHE A 384 7.05 11.64 2.90
CA PHE A 384 6.57 11.81 1.54
C PHE A 384 5.63 10.65 1.21
N THR A 385 4.40 10.96 0.85
CA THR A 385 3.44 9.97 0.38
C THR A 385 3.34 10.13 -1.12
N PRO A 386 3.78 9.15 -1.91
CA PRO A 386 3.72 9.32 -3.38
C PRO A 386 2.29 9.21 -3.87
N VAL A 387 2.00 9.93 -4.95
CA VAL A 387 0.71 9.84 -5.62
C VAL A 387 0.86 9.49 -7.08
N GLY A 388 1.85 10.06 -7.75
CA GLY A 388 2.01 9.80 -9.17
C GLY A 388 3.20 10.56 -9.72
N ILE A 389 3.13 10.93 -10.99
CA ILE A 389 4.22 11.65 -11.65
C ILE A 389 3.62 12.82 -12.42
N SER A 390 4.48 13.78 -12.68
CA SER A 390 4.15 14.93 -13.52
C SER A 390 5.16 14.97 -14.65
N VAL A 391 4.71 15.26 -15.86
CA VAL A 391 5.58 15.28 -17.03
C VAL A 391 5.44 16.63 -17.72
N ASP A 392 6.56 17.16 -18.18
CA ASP A 392 6.54 18.36 -19.00
C ASP A 392 7.88 18.41 -19.74
N SER A 393 8.11 19.51 -20.47
CA SER A 393 9.26 19.56 -21.36
C SER A 393 10.58 19.35 -20.62
N GLN A 394 10.67 19.79 -19.37
CA GLN A 394 11.89 19.61 -18.60
C GLN A 394 11.87 18.36 -17.73
N ASN A 395 10.83 17.53 -17.84
CA ASN A 395 10.65 16.42 -16.89
C ASN A 395 10.03 15.23 -17.63
N SER A 396 10.87 14.48 -18.34
CA SER A 396 10.42 13.24 -18.95
C SER A 396 10.22 12.18 -17.88
N TYR A 397 9.53 11.10 -18.26
CA TYR A 397 9.30 9.94 -17.39
C TYR A 397 9.95 8.74 -18.08
N ASN A 398 11.02 8.22 -17.50
CA ASN A 398 11.73 7.08 -18.05
C ASN A 398 11.75 5.99 -16.98
N GLN A 399 10.80 5.06 -17.09
CA GLN A 399 10.64 4.07 -16.03
C GLN A 399 11.83 3.12 -15.95
N TRP A 400 12.61 2.98 -17.02
CA TRP A 400 13.71 2.02 -17.03
C TRP A 400 15.08 2.66 -16.82
N LEU A 401 15.15 3.97 -16.65
CA LEU A 401 16.42 4.64 -16.41
C LEU A 401 16.52 4.97 -14.92
N LEU A 402 17.53 4.40 -14.27
CA LEU A 402 17.67 4.57 -12.84
C LEU A 402 18.16 5.97 -12.52
N PRO A 403 17.72 6.54 -11.39
CA PRO A 403 18.37 7.75 -10.90
C PRO A 403 19.81 7.44 -10.51
N ARG A 404 20.61 8.49 -10.40
CA ARG A 404 21.97 8.37 -9.88
C ARG A 404 21.84 8.56 -8.38
N TYR A 405 21.75 7.45 -7.65
CA TYR A 405 21.34 7.53 -6.26
C TYR A 405 22.34 8.30 -5.42
N GLY A 406 23.61 8.30 -5.80
CA GLY A 406 24.60 9.07 -5.06
C GLY A 406 24.65 10.53 -5.42
N GLY A 407 23.86 10.95 -6.40
CA GLY A 407 23.85 12.32 -6.87
C GLY A 407 24.97 12.61 -7.86
N HIS A 408 24.77 13.70 -8.59
CA HIS A 408 25.80 14.34 -9.43
C HIS A 408 26.37 13.30 -10.40
N LEU A 409 27.67 13.12 -10.47
CA LEU A 409 28.21 12.20 -11.46
C LEU A 409 28.40 10.79 -10.92
N THR A 410 28.07 10.54 -9.65
CA THR A 410 28.42 9.26 -9.03
C THR A 410 27.72 8.11 -9.73
N ASN A 411 28.36 6.94 -9.69
CA ASN A 411 27.80 5.75 -10.30
C ASN A 411 27.14 4.86 -9.24
N ASN A 412 26.02 4.26 -9.61
CA ASN A 412 25.26 3.45 -8.67
C ASN A 412 26.06 2.22 -8.23
N THR A 413 25.79 1.79 -7.00
CA THR A 413 26.42 0.61 -6.44
C THR A 413 25.36 -0.30 -5.82
N HIS A 414 25.75 -1.56 -5.58
CA HIS A 414 24.89 -2.56 -4.94
C HIS A 414 23.57 -2.77 -5.67
N LEU A 415 23.56 -2.64 -6.99
CA LEU A 415 22.31 -2.76 -7.72
C LEU A 415 21.85 -4.20 -7.79
N ALA A 416 20.54 -4.41 -7.70
CA ALA A 416 19.95 -5.65 -8.18
C ALA A 416 20.32 -5.84 -9.65
N PRO A 417 20.65 -7.06 -10.07
CA PRO A 417 21.15 -7.26 -11.44
C PRO A 417 20.07 -7.02 -12.50
N SER A 418 20.53 -6.64 -13.69
CA SER A 418 19.63 -6.49 -14.82
C SER A 418 19.02 -7.85 -15.17
N VAL A 419 17.89 -7.81 -15.88
CA VAL A 419 17.17 -9.02 -16.22
C VAL A 419 16.92 -9.04 -17.73
N SER A 420 16.95 -10.24 -18.31
CA SER A 420 16.83 -10.35 -19.75
C SER A 420 16.41 -11.75 -20.10
N PRO A 421 15.56 -11.95 -21.12
CA PRO A 421 15.36 -13.31 -21.62
C PRO A 421 16.67 -13.83 -22.21
N MET A 422 16.92 -15.13 -22.05
CA MET A 422 18.17 -15.72 -22.49
C MET A 422 17.96 -16.85 -23.50
N PHE A 423 16.80 -16.88 -24.15
CA PHE A 423 16.36 -18.01 -24.94
C PHE A 423 15.54 -17.51 -26.13
N PRO A 424 15.70 -18.10 -27.31
CA PRO A 424 15.05 -17.55 -28.51
C PRO A 424 13.53 -17.51 -28.34
N GLY A 425 12.95 -16.34 -28.67
CA GLY A 425 11.52 -16.18 -28.66
C GLY A 425 10.92 -15.76 -27.34
N GLU A 426 11.71 -15.62 -26.28
CA GLU A 426 11.20 -15.26 -24.97
C GLU A 426 11.28 -13.77 -24.75
N GLN A 427 10.29 -13.25 -24.02
CA GLN A 427 10.30 -11.91 -23.48
C GLN A 427 9.95 -11.95 -22.00
N ILE A 428 10.30 -10.87 -21.29
CA ILE A 428 9.87 -10.79 -19.90
C ILE A 428 8.37 -10.51 -19.84
N LEU A 429 7.70 -11.14 -18.88
CA LEU A 429 6.32 -10.82 -18.56
C LEU A 429 6.32 -9.88 -17.35
N PHE A 430 5.71 -8.71 -17.52
CA PHE A 430 5.66 -7.67 -16.50
C PHE A 430 4.25 -7.57 -15.95
N PHE A 431 4.16 -7.03 -14.74
CA PHE A 431 2.89 -6.65 -14.15
C PHE A 431 2.82 -5.13 -14.21
N ARG A 432 1.95 -4.61 -15.05
CA ARG A 432 1.93 -3.21 -15.41
C ARG A 432 0.82 -2.48 -14.68
N SER A 433 1.11 -1.28 -14.20
CA SER A 433 0.09 -0.41 -13.63
C SER A 433 0.21 0.95 -14.28
N PHE A 434 -0.83 1.76 -14.13
CA PHE A 434 -0.83 3.12 -14.70
C PHE A 434 -0.90 4.12 -13.55
N MET A 435 0.23 4.78 -13.30
CA MET A 435 0.40 5.76 -12.24
C MET A 435 -0.51 6.98 -12.52
N PRO A 436 -1.08 7.58 -11.48
CA PRO A 436 -1.72 8.89 -11.67
C PRO A 436 -0.72 9.90 -12.23
N GLY A 437 -1.23 10.83 -13.03
CA GLY A 437 -0.46 11.97 -13.47
C GLY A 437 -0.90 13.22 -12.72
N ALA A 438 0.04 14.13 -12.53
CA ALA A 438 -0.22 15.41 -11.87
C ALA A 438 0.19 16.57 -12.77
N GLY A 439 -0.01 16.40 -14.05
CA GLY A 439 0.36 17.45 -14.98
C GLY A 439 1.06 16.86 -16.18
N GLY A 440 0.68 17.31 -17.37
CA GLY A 440 1.27 16.80 -18.59
C GLY A 440 0.52 15.60 -19.14
N PHE A 441 0.95 15.18 -20.32
CA PHE A 441 0.43 13.99 -20.98
C PHE A 441 1.30 12.79 -20.60
N THR A 442 0.69 11.82 -19.95
CA THR A 442 1.38 10.57 -19.64
C THR A 442 0.36 9.50 -19.31
N ASP A 443 0.59 8.29 -19.81
CA ASP A 443 -0.25 7.17 -19.37
C ASP A 443 0.21 6.61 -18.03
N GLY A 444 1.37 7.04 -17.54
CA GLY A 444 1.87 6.61 -16.24
C GLY A 444 2.24 5.15 -16.16
N ALA A 445 2.52 4.50 -17.29
CA ALA A 445 2.75 3.06 -17.26
C ALA A 445 4.01 2.71 -16.48
N ILE A 446 3.89 1.76 -15.56
CA ILE A 446 5.06 1.29 -14.82
C ILE A 446 4.99 -0.22 -14.69
N ASP A 447 6.10 -0.89 -15.00
CA ASP A 447 6.14 -2.34 -15.17
C ASP A 447 7.00 -2.96 -14.09
N CYS A 448 6.42 -3.86 -13.30
CA CYS A 448 7.21 -4.52 -12.27
C CYS A 448 7.41 -6.00 -12.61
N LEU A 449 8.46 -6.59 -12.02
CA LEU A 449 8.83 -7.96 -12.35
C LEU A 449 7.98 -8.97 -11.60
N LEU A 450 7.57 -8.65 -10.37
CA LEU A 450 6.77 -9.51 -9.51
C LEU A 450 5.80 -8.63 -8.74
N PRO A 451 4.55 -9.06 -8.54
CA PRO A 451 3.67 -8.33 -7.64
C PRO A 451 4.22 -8.34 -6.23
N GLN A 452 3.89 -7.30 -5.47
CA GLN A 452 4.47 -7.15 -4.14
C GLN A 452 4.09 -8.33 -3.24
N GLU A 453 2.91 -8.91 -3.46
CA GLU A 453 2.51 -10.07 -2.66
C GLU A 453 3.46 -11.25 -2.88
N TRP A 454 3.93 -11.45 -4.12
CA TRP A 454 4.93 -12.49 -4.36
C TRP A 454 6.26 -12.14 -3.73
N VAL A 455 6.66 -10.88 -3.82
CA VAL A 455 7.89 -10.43 -3.20
C VAL A 455 7.90 -10.82 -1.74
N ALA A 456 6.84 -10.42 -1.01
CA ALA A 456 6.75 -10.73 0.41
C ALA A 456 6.66 -12.23 0.65
N HIS A 457 5.97 -12.95 -0.24
CA HIS A 457 5.83 -14.39 -0.06
C HIS A 457 7.18 -15.10 -0.16
N PHE A 458 7.96 -14.78 -1.20
CA PHE A 458 9.26 -15.44 -1.34
C PHE A 458 10.17 -15.09 -0.17
N TYR A 459 10.11 -13.85 0.28
CA TYR A 459 10.93 -13.43 1.42
C TYR A 459 10.58 -14.24 2.67
N GLN A 460 9.30 -14.44 2.94
CA GLN A 460 8.89 -15.16 4.13
C GLN A 460 9.20 -16.65 4.01
N GLU A 461 8.95 -17.23 2.84
CA GLU A 461 9.12 -18.68 2.67
C GLU A 461 10.59 -19.07 2.69
N ALA A 462 11.44 -18.26 2.06
CA ALA A 462 12.86 -18.57 1.91
C ALA A 462 13.05 -20.03 1.49
N ALA A 463 12.25 -20.44 0.51
CA ALA A 463 12.43 -21.78 -0.03
C ALA A 463 13.80 -21.90 -0.71
N THR A 464 14.16 -23.12 -1.07
CA THR A 464 15.39 -23.35 -1.81
C THR A 464 15.04 -23.58 -3.28
N ALA A 465 15.61 -22.75 -4.15
CA ALA A 465 15.43 -22.93 -5.59
C ALA A 465 16.18 -24.19 -5.99
N GLN A 466 15.43 -25.26 -6.26
CA GLN A 466 16.04 -26.55 -6.59
C GLN A 466 16.80 -26.49 -7.91
N THR A 467 16.35 -25.65 -8.84
CA THR A 467 17.12 -25.29 -10.03
C THR A 467 17.00 -23.78 -10.21
N ASP A 468 17.46 -23.30 -11.36
CA ASP A 468 17.46 -21.87 -11.65
C ASP A 468 16.14 -21.38 -12.26
N VAL A 469 15.19 -22.28 -12.54
CA VAL A 469 13.93 -21.90 -13.18
C VAL A 469 12.81 -22.74 -12.59
N ALA A 470 11.79 -22.08 -12.04
CA ALA A 470 10.53 -22.73 -11.71
C ALA A 470 9.58 -22.57 -12.88
N LEU A 471 9.19 -23.68 -13.49
CA LEU A 471 8.14 -23.62 -14.49
C LEU A 471 6.83 -23.29 -13.78
N ILE A 472 6.10 -22.30 -14.30
CA ILE A 472 4.83 -21.91 -13.71
C ILE A 472 3.77 -21.96 -14.81
N ARG A 473 2.57 -22.38 -14.43
CA ARG A 473 1.45 -22.56 -15.34
C ARG A 473 0.35 -21.59 -14.95
N PHE A 474 -0.19 -20.87 -15.93
CA PHE A 474 -1.29 -19.95 -15.69
C PHE A 474 -2.59 -20.75 -15.85
N VAL A 475 -3.27 -20.98 -14.74
CA VAL A 475 -4.47 -21.81 -14.71
C VAL A 475 -5.71 -20.93 -14.67
N ASN A 476 -6.71 -21.28 -15.46
CA ASN A 476 -8.01 -20.64 -15.36
C ASN A 476 -8.89 -21.51 -14.45
N PRO A 477 -9.16 -21.09 -13.22
CA PRO A 477 -9.96 -21.94 -12.34
C PRO A 477 -11.38 -22.16 -12.85
N ASP A 478 -11.86 -21.31 -13.77
CA ASP A 478 -13.20 -21.47 -14.32
C ASP A 478 -13.32 -22.76 -15.13
N THR A 479 -12.23 -23.15 -15.80
CA THR A 479 -12.18 -24.41 -16.53
C THR A 479 -11.27 -25.43 -15.88
N GLY A 480 -10.41 -25.02 -14.95
CA GLY A 480 -9.42 -25.90 -14.39
C GLY A 480 -8.25 -26.20 -15.30
N ARG A 481 -8.20 -25.63 -16.50
CA ARG A 481 -7.19 -25.97 -17.49
C ARG A 481 -6.09 -24.91 -17.51
N VAL A 482 -4.89 -25.34 -17.93
CA VAL A 482 -3.75 -24.44 -18.06
C VAL A 482 -3.87 -23.66 -19.36
N LEU A 483 -3.58 -22.36 -19.27
CA LEU A 483 -3.69 -21.46 -20.41
C LEU A 483 -2.37 -21.15 -21.07
N PHE A 484 -1.28 -21.09 -20.31
CA PHE A 484 0.06 -20.92 -20.86
C PHE A 484 1.06 -21.14 -19.73
N GLU A 485 2.32 -21.19 -20.13
CA GLU A 485 3.43 -21.50 -19.26
C GLU A 485 4.41 -20.33 -19.23
N GLY A 486 5.06 -20.13 -18.09
CA GLY A 486 6.13 -19.16 -17.99
C GLY A 486 7.31 -19.77 -17.27
N LYS A 487 8.46 -19.14 -17.43
CA LYS A 487 9.66 -19.52 -16.69
C LYS A 487 9.87 -18.48 -15.60
N LEU A 488 9.72 -18.90 -14.34
CA LEU A 488 9.97 -18.03 -13.19
C LEU A 488 11.42 -18.23 -12.78
N HIS A 489 12.27 -17.28 -13.15
CA HIS A 489 13.71 -17.41 -12.96
C HIS A 489 14.10 -17.17 -11.51
N LYS A 490 15.16 -17.87 -11.08
CA LYS A 490 15.67 -17.73 -9.73
C LYS A 490 15.92 -16.26 -9.37
N GLN A 491 16.36 -15.45 -10.34
CA GLN A 491 16.58 -14.02 -10.12
C GLN A 491 15.31 -13.25 -9.76
N GLY A 492 14.13 -13.80 -10.02
CA GLY A 492 12.90 -13.14 -9.62
C GLY A 492 12.23 -12.39 -10.75
N PHE A 493 12.07 -13.05 -11.90
CA PHE A 493 11.32 -12.47 -12.99
C PHE A 493 10.83 -13.61 -13.88
N ILE A 494 9.83 -13.30 -14.70
CA ILE A 494 9.14 -14.29 -15.53
C ILE A 494 9.46 -14.03 -16.99
N THR A 495 9.74 -15.10 -17.73
CA THR A 495 9.77 -15.01 -19.19
C THR A 495 8.68 -15.89 -19.78
N ILE A 496 8.18 -15.44 -20.93
CA ILE A 496 7.19 -16.17 -21.72
C ILE A 496 7.68 -16.21 -23.16
N SER A 497 7.14 -17.17 -23.90
CA SER A 497 7.35 -17.21 -25.34
C SER A 497 6.35 -16.28 -26.00
N ASN A 498 6.83 -15.12 -26.45
CA ASN A 498 5.96 -14.10 -27.01
C ASN A 498 6.83 -13.04 -27.65
N SER A 499 6.27 -12.33 -28.62
CA SER A 499 7.00 -11.26 -29.28
C SER A 499 6.10 -10.04 -29.43
N GLY A 500 6.65 -8.88 -29.11
CA GLY A 500 5.95 -7.63 -29.29
C GLY A 500 5.60 -6.98 -27.95
N ASP A 501 5.11 -5.75 -28.06
CA ASP A 501 4.78 -4.92 -26.90
C ASP A 501 3.27 -4.82 -26.82
N HIS A 502 2.67 -5.43 -25.81
CA HIS A 502 1.22 -5.43 -25.69
C HIS A 502 0.84 -6.03 -24.34
N PRO A 503 -0.37 -5.73 -23.88
CA PRO A 503 -0.93 -6.44 -22.73
C PRO A 503 -1.14 -7.90 -23.04
N ILE A 504 -1.09 -8.71 -21.99
CA ILE A 504 -1.43 -10.12 -22.04
C ILE A 504 -2.75 -10.25 -21.30
N VAL A 505 -3.87 -10.26 -22.03
CA VAL A 505 -5.19 -10.28 -21.42
C VAL A 505 -5.64 -11.72 -21.24
N MET A 506 -6.07 -12.05 -20.04
CA MET A 506 -6.50 -13.42 -19.74
C MET A 506 -7.77 -13.41 -18.91
N PRO A 507 -8.44 -14.56 -18.79
CA PRO A 507 -9.60 -14.66 -17.89
C PRO A 507 -9.27 -14.10 -16.51
N ALA A 508 -10.21 -13.31 -15.96
CA ALA A 508 -9.93 -12.52 -14.78
C ALA A 508 -9.60 -13.37 -13.55
N ASN A 509 -10.05 -14.62 -13.50
CA ASN A 509 -9.80 -15.45 -12.34
C ASN A 509 -8.51 -16.25 -12.44
N GLY A 510 -7.79 -16.11 -13.54
CA GLY A 510 -6.59 -16.91 -13.73
C GLY A 510 -5.49 -16.51 -12.76
N TYR A 511 -4.62 -17.48 -12.47
CA TYR A 511 -3.47 -17.23 -11.61
C TYR A 511 -2.38 -18.23 -11.96
N PHE A 512 -1.15 -17.86 -11.60
CA PHE A 512 0.00 -18.72 -11.81
C PHE A 512 0.13 -19.74 -10.68
N ARG A 513 0.52 -20.96 -11.05
CA ARG A 513 0.75 -22.04 -10.10
C ARG A 513 2.10 -22.69 -10.41
N PHE A 514 2.88 -22.96 -9.36
CA PHE A 514 4.15 -23.65 -9.54
C PHE A 514 3.91 -25.01 -10.16
N GLU A 515 4.73 -25.36 -11.15
CA GLU A 515 4.64 -26.70 -11.73
C GLU A 515 5.84 -27.56 -11.35
N ALA A 516 7.05 -27.14 -11.69
CA ALA A 516 8.22 -27.97 -11.44
C ALA A 516 9.48 -27.14 -11.56
N TRP A 517 10.58 -27.67 -11.02
CA TRP A 517 11.89 -27.06 -11.19
C TRP A 517 12.51 -27.57 -12.47
N VAL A 518 12.73 -26.68 -13.45
CA VAL A 518 13.21 -27.09 -14.76
C VAL A 518 14.58 -26.49 -15.06
N LYS A 519 15.13 -26.82 -16.23
CA LYS A 519 16.43 -26.29 -16.60
C LYS A 519 16.28 -24.98 -17.37
N GLN A 520 17.36 -24.18 -17.34
CA GLN A 520 17.44 -22.91 -18.05
C GLN A 520 16.85 -22.98 -19.45
N PHE A 521 17.12 -24.06 -20.17
CA PHE A 521 16.76 -24.16 -21.57
C PHE A 521 15.39 -24.78 -21.81
N TYR A 522 14.56 -24.90 -20.77
CA TYR A 522 13.22 -25.44 -20.97
C TYR A 522 12.50 -24.61 -22.04
N SER A 523 11.85 -25.29 -22.97
CA SER A 523 11.31 -24.63 -24.15
C SER A 523 9.82 -24.37 -23.95
N LEU A 524 9.43 -23.09 -23.94
CA LEU A 524 8.06 -22.70 -23.66
C LEU A 524 7.22 -22.67 -24.93
N ALA A 525 5.96 -23.06 -24.81
CA ALA A 525 5.02 -22.91 -25.91
C ALA A 525 4.52 -21.47 -26.01
N PRO A 526 4.19 -21.02 -27.22
CA PRO A 526 3.89 -19.60 -27.44
C PRO A 526 2.73 -19.09 -26.62
N VAL A 527 2.76 -17.77 -26.40
CA VAL A 527 1.70 -16.96 -25.81
C VAL A 527 1.42 -17.40 -24.38
N PHE B 227 -2.94 -24.46 10.48
CA PHE B 227 -3.21 -23.02 10.46
C PHE B 227 -1.92 -22.25 10.67
N THR B 228 -1.71 -21.19 9.88
CA THR B 228 -0.48 -20.42 9.96
C THR B 228 -0.79 -18.93 9.95
N LEU B 229 0.15 -18.17 10.52
CA LEU B 229 0.26 -16.72 10.48
C LEU B 229 1.46 -16.30 9.66
N PRO B 230 1.37 -15.20 8.90
CA PRO B 230 2.57 -14.62 8.31
C PRO B 230 3.60 -14.31 9.38
N VAL B 231 4.88 -14.42 9.00
CA VAL B 231 5.98 -14.23 9.93
C VAL B 231 6.55 -12.81 9.86
N LEU B 232 5.83 -11.89 9.25
CA LEU B 232 6.35 -10.52 9.09
C LEU B 232 6.48 -9.80 10.43
N LYS B 233 7.53 -8.98 10.54
CA LYS B 233 7.70 -8.09 11.68
C LYS B 233 6.56 -7.06 11.71
N ILE B 234 6.41 -6.40 12.86
CA ILE B 234 5.46 -5.29 12.97
C ILE B 234 5.76 -4.23 11.91
N SER B 235 7.04 -3.86 11.75
CA SER B 235 7.40 -2.80 10.81
C SER B 235 7.37 -3.26 9.36
N GLU B 236 7.10 -4.54 9.10
CA GLU B 236 6.98 -5.02 7.74
C GLU B 236 5.52 -5.24 7.36
N MET B 237 4.59 -4.74 8.16
CA MET B 237 3.19 -4.97 7.88
C MET B 237 2.44 -3.64 7.80
N THR B 238 1.25 -3.72 7.22
CA THR B 238 0.46 -2.57 6.84
C THR B 238 -0.80 -2.50 7.67
N ASN B 239 -1.14 -1.30 8.11
CA ASN B 239 -2.41 -1.12 8.79
C ASN B 239 -3.56 -1.46 7.83
N SER B 240 -4.57 -2.15 8.33
CA SER B 240 -5.66 -2.55 7.45
C SER B 240 -6.77 -1.50 7.37
N ARG B 241 -6.64 -0.39 8.08
CA ARG B 241 -7.65 0.66 8.06
C ARG B 241 -7.13 1.94 7.45
N PHE B 242 -5.82 2.02 7.15
CA PHE B 242 -5.26 3.17 6.45
C PHE B 242 -3.96 2.71 5.81
N PRO B 243 -3.65 3.16 4.59
CA PRO B 243 -2.50 2.57 3.85
C PRO B 243 -1.16 3.12 4.31
N ILE B 244 -0.80 2.79 5.55
CA ILE B 244 0.49 3.11 6.15
C ILE B 244 0.97 1.92 6.97
N PRO B 245 2.27 1.84 7.22
CA PRO B 245 2.79 0.71 8.01
C PRO B 245 2.23 0.73 9.43
N VAL B 246 2.12 -0.48 10.01
CA VAL B 246 1.87 -0.58 11.44
C VAL B 246 3.04 0.03 12.20
N ASP B 247 2.74 0.85 13.21
CA ASP B 247 3.79 1.47 14.00
C ASP B 247 4.03 0.75 15.33
N GLN B 248 2.96 0.26 15.97
CA GLN B 248 3.11 -0.41 17.26
C GLN B 248 1.91 -1.31 17.48
N MET B 249 2.06 -2.24 18.41
CA MET B 249 0.89 -2.92 18.95
C MET B 249 0.37 -2.08 20.09
N TYR B 250 -0.94 -2.12 20.29
CA TYR B 250 -1.56 -1.21 21.26
C TYR B 250 -2.78 -1.90 21.85
N THR B 251 -3.07 -1.61 23.12
CA THR B 251 -4.25 -2.14 23.76
C THR B 251 -4.95 -1.04 24.54
N SER B 252 -6.28 -1.13 24.62
CA SER B 252 -7.08 -0.16 25.36
C SER B 252 -8.41 -0.78 25.75
N ARG B 253 -9.09 -0.14 26.71
CA ARG B 253 -10.34 -0.66 27.25
C ARG B 253 -11.53 -0.30 26.36
N ASN B 254 -11.50 0.90 25.78
CA ASN B 254 -12.56 1.36 24.88
C ASN B 254 -13.94 1.34 25.53
N GLU B 255 -14.01 1.82 26.76
CA GLU B 255 -15.30 1.97 27.42
C GLU B 255 -16.21 2.88 26.61
N ASN B 256 -17.52 2.60 26.62
CA ASN B 256 -18.52 3.46 25.97
C ASN B 256 -18.31 3.59 24.47
N ILE B 257 -17.64 2.62 23.85
CA ILE B 257 -17.37 2.59 22.42
C ILE B 257 -17.79 1.23 21.87
N VAL B 258 -18.56 1.23 20.79
CA VAL B 258 -18.82 0.02 20.05
C VAL B 258 -17.71 -0.08 19.01
N VAL B 259 -16.80 -1.04 19.19
CA VAL B 259 -15.68 -1.22 18.28
C VAL B 259 -16.17 -2.02 17.08
N GLN B 260 -16.34 -1.34 15.94
CA GLN B 260 -16.94 -1.94 14.75
C GLN B 260 -16.27 -1.43 13.48
N PRO B 261 -14.94 -1.47 13.39
CA PRO B 261 -14.31 -1.05 12.13
C PRO B 261 -14.82 -1.90 10.98
N GLN B 262 -14.87 -1.30 9.79
CA GLN B 262 -15.38 -1.98 8.62
C GLN B 262 -14.27 -2.36 7.64
N ASN B 263 -13.10 -1.75 7.78
CA ASN B 263 -11.93 -2.15 7.01
C ASN B 263 -11.06 -3.03 7.88
N GLY B 264 -10.28 -3.89 7.23
CA GLY B 264 -9.48 -4.89 7.93
C GLY B 264 -10.33 -5.93 8.65
N ARG B 265 -11.42 -6.36 8.02
CA ARG B 265 -12.36 -7.31 8.63
C ARG B 265 -12.35 -8.58 7.80
N VAL B 266 -11.88 -9.67 8.41
CA VAL B 266 -11.93 -10.98 7.79
C VAL B 266 -12.06 -12.01 8.90
N THR B 267 -12.79 -13.09 8.62
CA THR B 267 -12.80 -14.18 9.59
C THR B 267 -11.59 -15.08 9.35
N LEU B 268 -11.29 -15.90 10.35
CA LEU B 268 -10.18 -16.83 10.21
C LEU B 268 -10.40 -17.80 9.06
N ASP B 269 -11.66 -18.09 8.72
CA ASP B 269 -11.98 -18.91 7.56
C ASP B 269 -11.74 -18.19 6.24
N GLY B 270 -11.42 -16.90 6.26
CA GLY B 270 -11.12 -16.18 5.05
C GLY B 270 -12.28 -15.42 4.45
N GLU B 271 -13.35 -15.21 5.21
CA GLU B 271 -14.52 -14.49 4.70
C GLU B 271 -14.32 -13.00 4.93
N LEU B 272 -14.16 -12.23 3.86
CA LEU B 272 -14.03 -10.79 3.99
C LEU B 272 -15.36 -10.18 4.41
N GLN B 273 -15.30 -9.12 5.21
CA GLN B 273 -16.49 -8.47 5.72
C GLN B 273 -16.34 -6.95 5.60
N GLY B 274 -17.43 -6.25 5.93
CA GLY B 274 -17.42 -4.79 5.89
C GLY B 274 -17.09 -4.27 4.50
N THR B 275 -16.20 -3.29 4.45
CA THR B 275 -15.72 -2.68 3.21
C THR B 275 -14.30 -3.12 2.88
N THR B 276 -13.86 -4.28 3.38
CA THR B 276 -12.45 -4.64 3.31
C THR B 276 -12.06 -5.03 1.90
N THR B 277 -11.00 -4.40 1.43
CA THR B 277 -10.40 -4.76 0.15
C THR B 277 -9.13 -5.55 0.39
N LEU B 278 -8.70 -6.29 -0.63
CA LEU B 278 -7.51 -7.12 -0.49
C LEU B 278 -6.23 -6.33 -0.65
N GLN B 279 -6.22 -5.29 -1.47
CA GLN B 279 -4.87 -4.72 -1.55
C GLN B 279 -4.74 -3.56 -0.58
N PRO B 280 -3.62 -3.49 0.14
CA PRO B 280 -3.45 -2.39 1.10
C PRO B 280 -3.50 -1.03 0.44
N VAL B 281 -3.06 -0.92 -0.81
CA VAL B 281 -2.91 0.39 -1.43
C VAL B 281 -4.26 0.96 -1.81
N SER B 282 -5.33 0.20 -1.62
CA SER B 282 -6.67 0.65 -1.96
C SER B 282 -7.48 1.10 -0.75
N ILE B 283 -6.96 0.92 0.45
CA ILE B 283 -7.69 1.29 1.66
C ILE B 283 -7.88 2.80 1.71
N CYS B 284 -9.10 3.22 2.00
CA CYS B 284 -9.49 4.64 2.03
C CYS B 284 -9.28 5.34 0.70
N GLY B 285 -9.17 4.60 -0.40
CA GLY B 285 -9.11 5.19 -1.71
C GLY B 285 -10.43 5.00 -2.44
N PHE B 286 -10.66 5.83 -3.45
CA PHE B 286 -11.84 5.61 -4.28
C PHE B 286 -11.58 6.18 -5.67
N ARG B 287 -12.43 5.75 -6.59
CA ARG B 287 -12.38 6.23 -7.96
C ARG B 287 -13.80 6.53 -8.40
N GLY B 288 -13.92 7.22 -9.52
CA GLY B 288 -15.23 7.66 -9.96
C GLY B 288 -15.08 8.66 -11.08
N THR B 289 -16.14 9.47 -11.24
CA THR B 289 -16.20 10.54 -12.23
C THR B 289 -16.48 11.86 -11.54
N LEU B 290 -15.71 12.88 -11.89
CA LEU B 290 -16.03 14.23 -11.46
C LEU B 290 -17.26 14.70 -12.22
N GLN B 291 -18.31 15.07 -11.49
CA GLN B 291 -19.54 15.57 -12.10
C GLN B 291 -19.47 17.07 -12.30
N THR B 292 -19.54 17.85 -11.21
CA THR B 292 -19.45 19.30 -11.37
C THR B 292 -18.79 19.91 -10.15
N ARG B 293 -18.35 21.15 -10.34
CA ARG B 293 -18.01 22.02 -9.23
C ARG B 293 -19.29 22.59 -8.65
N LEU B 294 -19.46 22.50 -7.33
CA LEU B 294 -20.67 23.01 -6.68
C LEU B 294 -20.43 24.48 -6.32
N ALA B 295 -21.00 25.38 -7.13
CA ALA B 295 -20.64 26.80 -7.04
C ALA B 295 -21.05 27.41 -5.69
N ASP B 296 -22.17 26.96 -5.11
CA ASP B 296 -22.63 27.56 -3.87
C ASP B 296 -22.15 26.80 -2.62
N GLN B 297 -21.02 26.15 -2.71
CA GLN B 297 -20.35 25.50 -1.58
C GLN B 297 -18.99 26.13 -1.36
N PRO B 298 -18.38 25.91 -0.20
CA PRO B 298 -17.08 26.54 0.08
C PRO B 298 -16.06 26.25 -1.01
N ASN B 299 -15.24 27.24 -1.32
CA ASN B 299 -14.21 27.11 -2.35
C ASN B 299 -13.20 26.02 -1.98
N TYR B 300 -12.98 25.05 -2.86
CA TYR B 300 -13.82 24.76 -4.02
C TYR B 300 -14.32 23.33 -3.88
N THR B 301 -15.63 23.14 -3.99
CA THR B 301 -16.25 21.86 -3.68
C THR B 301 -16.74 21.20 -4.96
N TYR B 302 -16.55 19.88 -5.04
CA TYR B 302 -16.85 19.13 -6.25
C TYR B 302 -17.70 17.92 -5.89
N GLN B 303 -18.60 17.57 -6.79
CA GLN B 303 -19.46 16.41 -6.65
C GLN B 303 -18.87 15.25 -7.45
N VAL B 304 -18.70 14.10 -6.82
CA VAL B 304 -18.14 12.93 -7.48
C VAL B 304 -19.22 11.86 -7.53
N HIS B 305 -19.24 11.11 -8.61
CA HIS B 305 -20.08 9.94 -8.74
C HIS B 305 -19.14 8.74 -8.65
N LEU B 306 -19.26 7.97 -7.56
CA LEU B 306 -18.31 6.89 -7.29
C LEU B 306 -18.50 5.74 -8.26
N GLU B 307 -17.40 5.07 -8.55
CA GLU B 307 -17.37 3.71 -9.06
C GLU B 307 -16.77 2.82 -7.98
N ASN B 308 -16.92 1.50 -8.15
CA ASN B 308 -16.13 0.60 -7.34
C ASN B 308 -14.65 0.66 -7.74
N LEU B 309 -13.80 0.14 -6.85
CA LEU B 309 -12.38 0.12 -7.15
C LEU B 309 -12.09 -0.62 -8.45
N ASP B 310 -12.89 -1.63 -8.78
CA ASP B 310 -12.71 -2.37 -10.02
C ASP B 310 -13.36 -1.67 -11.23
N GLY B 311 -13.84 -0.45 -11.05
CA GLY B 311 -14.49 0.30 -12.12
C GLY B 311 -15.97 0.02 -12.29
N SER B 312 -16.48 -1.05 -11.70
CA SER B 312 -17.88 -1.41 -11.89
C SER B 312 -18.81 -0.41 -11.21
N PRO B 313 -20.06 -0.29 -11.68
CA PRO B 313 -21.00 0.63 -11.03
C PRO B 313 -21.24 0.24 -9.58
N VAL B 314 -21.35 1.25 -8.74
CA VAL B 314 -21.81 1.02 -7.37
C VAL B 314 -23.25 0.55 -7.41
N ASP B 315 -23.49 -0.67 -6.97
CA ASP B 315 -24.85 -1.20 -6.85
C ASP B 315 -25.24 -1.22 -5.39
N PRO B 316 -26.14 -0.34 -4.93
CA PRO B 316 -26.46 -0.29 -3.50
C PRO B 316 -27.15 -1.55 -2.98
N THR B 317 -27.64 -2.42 -3.86
CA THR B 317 -28.22 -3.68 -3.40
C THR B 317 -27.16 -4.70 -3.01
N ASP B 318 -25.88 -4.46 -3.36
CA ASP B 318 -24.82 -5.32 -2.85
C ASP B 318 -24.87 -5.36 -1.33
N GLU B 319 -24.60 -6.54 -0.77
CA GLU B 319 -24.64 -6.74 0.67
C GLU B 319 -23.31 -6.32 1.32
N VAL B 320 -23.03 -5.03 1.19
CA VAL B 320 -21.88 -4.39 1.84
C VAL B 320 -22.35 -3.05 2.36
N PRO B 321 -21.65 -2.50 3.35
CA PRO B 321 -22.10 -1.20 3.88
C PRO B 321 -21.87 -0.07 2.89
N ALA B 322 -20.90 -0.23 2.00
CA ALA B 322 -20.44 0.81 1.10
C ALA B 322 -19.40 0.18 0.18
N PRO B 323 -18.96 0.87 -0.86
CA PRO B 323 -17.96 0.29 -1.76
C PRO B 323 -16.72 -0.19 -1.00
N LEU B 324 -16.09 -1.25 -1.49
CA LEU B 324 -14.86 -1.68 -0.86
C LEU B 324 -13.83 -0.55 -0.90
N GLY B 325 -13.11 -0.38 0.21
CA GLY B 325 -12.17 0.69 0.36
C GLY B 325 -12.71 1.96 1.02
N THR B 326 -14.02 2.10 1.14
CA THR B 326 -14.58 3.30 1.77
C THR B 326 -14.01 3.46 3.18
N PRO B 327 -13.65 4.68 3.59
CA PRO B 327 -13.16 4.89 4.96
C PRO B 327 -14.22 4.47 5.97
N ASP B 328 -13.76 3.97 7.13
CA ASP B 328 -14.68 3.50 8.16
C ASP B 328 -14.61 4.36 9.43
N PHE B 329 -14.23 5.63 9.30
CA PHE B 329 -14.15 6.51 10.44
C PHE B 329 -14.62 7.91 10.03
N GLN B 330 -14.95 8.71 11.04
CA GLN B 330 -15.39 10.07 10.82
C GLN B 330 -14.20 11.01 10.90
N ALA B 331 -13.94 11.76 9.83
CA ALA B 331 -12.82 12.69 9.82
C ALA B 331 -12.90 13.55 8.58
N GLN B 332 -12.10 14.61 8.58
CA GLN B 332 -11.71 15.30 7.35
C GLN B 332 -10.55 14.50 6.75
N LEU B 333 -10.87 13.60 5.82
CA LEU B 333 -9.86 12.77 5.17
C LEU B 333 -9.13 13.60 4.12
N PHE B 334 -7.80 13.66 4.23
CA PHE B 334 -6.97 14.47 3.35
C PHE B 334 -6.19 13.60 2.38
N GLY B 335 -6.13 14.04 1.12
CA GLY B 335 -5.33 13.34 0.14
C GLY B 335 -5.28 14.13 -1.16
N VAL B 336 -5.23 13.42 -2.29
CA VAL B 336 -5.07 14.03 -3.61
C VAL B 336 -6.13 13.44 -4.52
N ILE B 337 -6.83 14.30 -5.25
CA ILE B 337 -7.66 13.86 -6.36
C ILE B 337 -6.84 14.03 -7.64
N SER B 338 -6.75 12.96 -8.42
CA SER B 338 -6.04 13.03 -9.68
C SER B 338 -7.00 12.66 -10.79
N GLN B 339 -6.71 13.15 -12.01
CA GLN B 339 -7.55 12.93 -13.18
C GLN B 339 -6.68 12.60 -14.38
N ARG B 340 -7.21 11.74 -15.24
CA ARG B 340 -6.61 11.46 -16.54
C ARG B 340 -7.72 11.42 -17.57
N SER B 341 -7.52 12.16 -18.67
CA SER B 341 -8.50 12.23 -19.73
C SER B 341 -8.22 11.19 -20.82
N SER B 342 -9.15 11.11 -21.78
CA SER B 342 -9.00 10.19 -22.91
C SER B 342 -7.77 10.50 -23.74
N ASP B 343 -7.28 11.74 -23.68
CA ASP B 343 -6.06 12.13 -24.38
C ASP B 343 -4.83 12.01 -23.50
N ASN B 344 -4.96 11.37 -22.33
CA ASN B 344 -3.87 11.20 -21.37
C ASN B 344 -3.40 12.52 -20.77
N ALA B 345 -4.21 13.57 -20.84
CA ALA B 345 -3.93 14.76 -20.07
C ALA B 345 -4.21 14.48 -18.59
N THR B 346 -3.36 15.01 -17.71
CA THR B 346 -3.49 14.70 -16.29
C THR B 346 -3.39 15.95 -15.43
N ARG B 347 -3.97 15.87 -14.24
CA ARG B 347 -3.84 16.90 -13.23
C ARG B 347 -4.14 16.26 -11.89
N ALA B 348 -3.60 16.85 -10.83
CA ALA B 348 -3.91 16.36 -9.49
C ALA B 348 -3.69 17.49 -8.50
N HIS B 349 -4.57 17.55 -7.49
CA HIS B 349 -4.49 18.60 -6.47
C HIS B 349 -4.95 18.04 -5.13
N GLU B 350 -4.50 18.72 -4.06
CA GLU B 350 -4.93 18.37 -2.71
C GLU B 350 -6.46 18.38 -2.61
N ALA B 351 -6.97 17.49 -1.77
CA ALA B 351 -8.41 17.40 -1.58
C ALA B 351 -8.72 16.88 -0.20
N ARG B 352 -9.86 17.30 0.32
CA ARG B 352 -10.34 16.83 1.62
C ARG B 352 -11.75 16.29 1.44
N VAL B 353 -12.00 15.11 2.00
CA VAL B 353 -13.30 14.45 1.97
C VAL B 353 -13.83 14.37 3.40
N ASN B 354 -14.94 15.05 3.67
CA ASN B 354 -15.53 15.04 5.01
C ASN B 354 -16.43 13.82 5.13
N THR B 355 -15.95 12.77 5.81
CA THR B 355 -16.77 11.57 5.92
C THR B 355 -17.88 11.72 6.95
N ASN B 356 -17.96 12.85 7.65
CA ASN B 356 -19.02 13.09 8.61
C ASN B 356 -20.07 14.06 8.09
N ASP B 357 -19.99 14.44 6.82
CA ASP B 357 -21.00 15.32 6.24
C ASP B 357 -22.24 14.53 5.84
N PRO B 358 -23.43 15.15 5.96
CA PRO B 358 -24.65 14.47 5.52
C PRO B 358 -24.62 14.05 4.07
N THR B 359 -23.90 14.77 3.21
CA THR B 359 -23.88 14.43 1.79
C THR B 359 -22.92 13.30 1.48
N PHE B 360 -22.05 12.92 2.41
CA PHE B 360 -21.23 11.74 2.25
C PHE B 360 -22.10 10.49 2.14
N ALA B 361 -22.30 9.97 0.94
CA ALA B 361 -23.19 8.83 0.72
C ALA B 361 -22.54 7.87 -0.26
N PRO B 362 -21.36 7.34 0.09
CA PRO B 362 -20.70 6.40 -0.82
C PRO B 362 -21.52 5.15 -1.13
N GLN B 363 -22.40 4.73 -0.21
CA GLN B 363 -23.22 3.55 -0.48
C GLN B 363 -24.10 3.76 -1.70
N ILE B 364 -24.47 5.00 -1.97
CA ILE B 364 -25.23 5.33 -3.16
C ILE B 364 -24.38 6.13 -4.14
N ALA B 365 -23.07 6.01 -4.03
CA ALA B 365 -22.11 6.50 -5.01
C ALA B 365 -21.99 8.02 -5.05
N GLN B 366 -22.33 8.74 -3.99
CA GLN B 366 -22.23 10.20 -4.03
C GLN B 366 -21.30 10.69 -2.93
N VAL B 367 -20.20 11.31 -3.33
CA VAL B 367 -19.24 11.89 -2.40
C VAL B 367 -18.76 13.21 -2.95
N ARG B 368 -18.50 14.16 -2.06
CA ARG B 368 -17.94 15.46 -2.40
C ARG B 368 -16.55 15.58 -1.83
N PHE B 369 -15.71 16.34 -2.50
CA PHE B 369 -14.43 16.75 -1.93
C PHE B 369 -14.27 18.24 -2.07
N LYS B 370 -13.43 18.81 -1.20
CA LYS B 370 -13.07 20.21 -1.25
C LYS B 370 -11.59 20.34 -1.56
N SER B 371 -11.26 21.17 -2.54
CA SER B 371 -9.87 21.41 -2.92
C SER B 371 -9.60 22.91 -3.01
N PRO B 372 -8.37 23.33 -2.71
CA PRO B 372 -8.01 24.73 -2.96
C PRO B 372 -7.98 25.09 -4.43
N SER B 373 -8.05 24.12 -5.34
CA SER B 373 -7.81 24.34 -6.76
C SER B 373 -9.12 24.33 -7.54
N THR B 374 -9.17 25.13 -8.62
CA THR B 374 -10.27 25.07 -9.57
C THR B 374 -9.94 24.20 -10.77
N ASP B 375 -8.74 23.61 -10.78
CA ASP B 375 -8.20 22.92 -11.96
C ASP B 375 -8.60 21.46 -11.94
N PHE B 376 -9.91 21.22 -12.09
CA PHE B 376 -10.49 19.90 -12.27
C PHE B 376 -11.48 19.98 -13.43
N SER B 377 -11.56 18.91 -14.22
CA SER B 377 -12.39 18.90 -15.44
C SER B 377 -13.66 18.10 -15.21
N ASP B 378 -14.81 18.70 -15.56
CA ASP B 378 -16.07 18.00 -15.44
C ASP B 378 -16.08 16.75 -16.31
N ASN B 379 -16.77 15.72 -15.83
CA ASN B 379 -17.01 14.48 -16.55
C ASN B 379 -15.74 13.68 -16.85
N GLU B 380 -14.62 13.96 -16.18
CA GLU B 380 -13.45 13.12 -16.38
C GLU B 380 -13.24 12.25 -15.15
N PRO B 381 -12.54 11.13 -15.31
CA PRO B 381 -12.37 10.19 -14.19
C PRO B 381 -11.52 10.83 -13.09
N ILE B 382 -11.76 10.40 -11.84
CA ILE B 382 -10.94 10.82 -10.72
C ILE B 382 -10.47 9.60 -9.95
N LYS B 383 -9.32 9.74 -9.29
CA LYS B 383 -8.88 8.81 -8.25
C LYS B 383 -8.54 9.63 -7.02
N PHE B 384 -8.98 9.16 -5.85
CA PHE B 384 -8.55 9.74 -4.58
C PHE B 384 -7.45 8.86 -4.01
N THR B 385 -6.29 9.47 -3.74
CA THR B 385 -5.21 8.81 -3.04
C THR B 385 -5.18 9.38 -1.63
N PRO B 386 -5.46 8.60 -0.59
CA PRO B 386 -5.47 9.15 0.76
C PRO B 386 -4.05 9.42 1.23
N VAL B 387 -3.91 10.45 2.07
CA VAL B 387 -2.64 10.76 2.71
C VAL B 387 -2.77 10.80 4.22
N GLY B 388 -3.83 11.40 4.73
CA GLY B 388 -3.97 11.50 6.17
C GLY B 388 -5.25 12.18 6.56
N ILE B 389 -5.23 12.93 7.66
CA ILE B 389 -6.43 13.59 8.15
C ILE B 389 -6.07 15.02 8.53
N SER B 390 -7.08 15.88 8.55
CA SER B 390 -6.90 17.19 9.15
C SER B 390 -7.99 17.38 10.18
N VAL B 391 -7.66 18.05 11.27
CA VAL B 391 -8.61 18.20 12.38
C VAL B 391 -8.74 19.67 12.76
N ASP B 392 -9.91 20.00 13.29
CA ASP B 392 -10.17 21.27 13.96
C ASP B 392 -11.47 21.10 14.75
N SER B 393 -11.93 22.20 15.37
CA SER B 393 -13.09 22.10 16.26
C SER B 393 -14.37 21.72 15.50
N GLN B 394 -14.45 22.04 14.20
CA GLN B 394 -15.57 21.66 13.36
C GLN B 394 -15.39 20.29 12.72
N ASN B 395 -14.26 19.63 12.93
CA ASN B 395 -13.92 18.40 12.21
C ASN B 395 -13.12 17.52 13.15
N SER B 396 -13.83 16.86 14.06
CA SER B 396 -13.17 15.92 14.95
C SER B 396 -12.78 14.67 14.17
N TYR B 397 -11.81 13.94 14.72
CA TYR B 397 -11.37 12.67 14.15
C TYR B 397 -11.82 11.61 15.14
N ASN B 398 -12.77 10.78 14.73
CA ASN B 398 -13.30 9.74 15.62
C ASN B 398 -13.11 8.42 14.92
N GLN B 399 -12.01 7.72 15.26
CA GLN B 399 -11.70 6.51 14.52
C GLN B 399 -12.73 5.41 14.74
N TRP B 400 -13.49 5.45 15.85
CA TRP B 400 -14.44 4.40 16.13
C TRP B 400 -15.88 4.73 15.76
N LEU B 401 -16.15 5.93 15.25
CA LEU B 401 -17.50 6.31 14.86
C LEU B 401 -17.63 6.18 13.34
N LEU B 402 -18.56 5.32 12.90
CA LEU B 402 -18.64 5.03 11.47
C LEU B 402 -19.30 6.19 10.75
N PRO B 403 -18.96 6.40 9.48
CA PRO B 403 -19.75 7.32 8.66
C PRO B 403 -21.15 6.74 8.51
N ARG B 404 -22.09 7.58 8.10
CA ARG B 404 -23.39 7.08 7.67
C ARG B 404 -23.29 6.88 6.17
N TYR B 405 -22.99 5.64 5.76
CA TYR B 405 -22.59 5.39 4.38
C TYR B 405 -23.68 5.74 3.37
N GLY B 406 -24.95 5.71 3.79
CA GLY B 406 -26.00 6.08 2.87
C GLY B 406 -26.31 7.55 2.82
N GLY B 407 -25.63 8.36 3.62
CA GLY B 407 -25.86 9.78 3.69
C GLY B 407 -27.04 10.15 4.57
N HIS B 408 -27.06 11.44 4.98
CA HIS B 408 -28.15 12.06 5.71
C HIS B 408 -28.63 11.21 6.88
N LEU B 409 -29.89 10.77 6.88
CA LEU B 409 -30.42 10.06 8.04
C LEU B 409 -30.39 8.54 7.89
N THR B 410 -29.81 8.03 6.81
CA THR B 410 -29.84 6.60 6.55
C THR B 410 -29.07 5.84 7.62
N ASN B 411 -29.54 4.64 7.94
CA ASN B 411 -28.87 3.77 8.89
C ASN B 411 -28.03 2.76 8.14
N ASN B 412 -26.84 2.50 8.66
CA ASN B 412 -25.92 1.60 7.99
C ASN B 412 -26.47 0.19 7.97
N THR B 413 -26.09 -0.56 6.94
CA THR B 413 -26.53 -1.93 6.76
C THR B 413 -25.32 -2.81 6.43
N HIS B 414 -25.49 -4.12 6.67
CA HIS B 414 -24.49 -5.13 6.28
C HIS B 414 -23.14 -4.89 6.94
N LEU B 415 -23.15 -4.33 8.15
CA LEU B 415 -21.89 -4.05 8.83
C LEU B 415 -21.23 -5.33 9.32
N ALA B 416 -19.91 -5.38 9.20
CA ALA B 416 -19.16 -6.37 9.97
C ALA B 416 -19.46 -6.15 11.46
N PRO B 417 -19.56 -7.22 12.25
CA PRO B 417 -20.04 -7.08 13.63
C PRO B 417 -19.04 -6.38 14.52
N SER B 418 -19.57 -5.77 15.59
CA SER B 418 -18.70 -5.21 16.62
C SER B 418 -17.88 -6.32 17.27
N VAL B 419 -16.77 -5.94 17.87
CA VAL B 419 -15.87 -6.89 18.53
C VAL B 419 -15.63 -6.45 19.97
N SER B 420 -15.52 -7.42 20.86
CA SER B 420 -15.27 -7.17 22.28
C SER B 420 -14.52 -8.35 22.87
N PRO B 421 -13.68 -8.12 23.86
CA PRO B 421 -13.11 -9.25 24.61
C PRO B 421 -14.25 -10.00 25.30
N MET B 422 -14.10 -11.31 25.41
CA MET B 422 -15.16 -12.14 25.99
C MET B 422 -14.63 -13.05 27.09
N PHE B 423 -13.68 -12.54 27.88
CA PHE B 423 -13.19 -13.26 29.05
C PHE B 423 -12.70 -12.20 30.02
N PRO B 424 -12.91 -12.39 31.34
CA PRO B 424 -12.48 -11.36 32.29
C PRO B 424 -10.99 -11.12 32.20
N GLY B 425 -10.58 -9.86 32.35
CA GLY B 425 -9.17 -9.51 32.32
C GLY B 425 -8.59 -9.32 30.93
N GLU B 426 -9.36 -9.54 29.87
CA GLU B 426 -8.82 -9.47 28.51
C GLU B 426 -9.19 -8.14 27.86
N GLN B 427 -8.30 -7.67 27.00
CA GLN B 427 -8.55 -6.52 26.15
C GLN B 427 -8.19 -6.91 24.72
N ILE B 428 -8.76 -6.20 23.74
CA ILE B 428 -8.32 -6.39 22.38
C ILE B 428 -6.92 -5.83 22.20
N LEU B 429 -6.11 -6.52 21.41
CA LEU B 429 -4.81 -6.03 20.98
C LEU B 429 -4.93 -5.47 19.57
N PHE B 430 -4.58 -4.19 19.41
CA PHE B 430 -4.69 -3.50 18.13
C PHE B 430 -3.33 -3.35 17.48
N PHE B 431 -3.36 -3.21 16.16
CA PHE B 431 -2.17 -2.81 15.40
C PHE B 431 -2.38 -1.33 15.07
N ARG B 432 -1.57 -0.48 15.69
CA ARG B 432 -1.78 0.95 15.64
C ARG B 432 -0.79 1.63 14.71
N SER B 433 -1.28 2.58 13.94
CA SER B 433 -0.45 3.46 13.12
C SER B 433 -0.85 4.90 13.39
N PHE B 434 0.05 5.81 13.05
CA PHE B 434 -0.18 7.24 13.23
C PHE B 434 -0.23 7.85 11.85
N MET B 435 -1.44 8.13 11.39
CA MET B 435 -1.70 8.80 10.12
C MET B 435 -1.00 10.16 10.08
N PRO B 436 -0.53 10.57 8.91
CA PRO B 436 -0.12 11.96 8.73
C PRO B 436 -1.28 12.91 9.01
N GLY B 437 -0.95 14.09 9.51
CA GLY B 437 -1.92 15.16 9.67
C GLY B 437 -1.69 16.22 8.62
N ALA B 438 -2.76 16.90 8.24
CA ALA B 438 -2.70 17.95 7.24
C ALA B 438 -3.25 19.25 7.79
N GLY B 439 -3.17 19.43 9.10
CA GLY B 439 -3.66 20.62 9.76
C GLY B 439 -4.28 20.29 11.10
N GLY B 440 -3.93 21.06 12.13
CA GLY B 440 -4.45 20.84 13.45
C GLY B 440 -3.61 19.88 14.27
N PHE B 441 -3.97 19.77 15.54
CA PHE B 441 -3.28 18.88 16.47
C PHE B 441 -3.95 17.52 16.43
N THR B 442 -3.22 16.51 15.98
CA THR B 442 -3.70 15.15 16.05
C THR B 442 -2.51 14.21 16.02
N ASP B 443 -2.58 13.13 16.79
CA ASP B 443 -1.54 12.10 16.65
C ASP B 443 -1.86 11.11 15.54
N GLY B 444 -3.03 11.26 14.90
CA GLY B 444 -3.42 10.40 13.80
C GLY B 444 -3.58 8.94 14.16
N ALA B 445 -3.70 8.60 15.44
CA ALA B 445 -3.69 7.19 15.81
C ALA B 445 -4.88 6.46 15.20
N ILE B 446 -4.61 5.34 14.54
CA ILE B 446 -5.67 4.50 14.00
C ILE B 446 -5.34 3.04 14.29
N ASP B 447 -6.30 2.32 14.85
CA ASP B 447 -6.11 0.98 15.39
C ASP B 447 -6.87 -0.01 14.52
N CYS B 448 -6.15 -1.00 13.97
CA CYS B 448 -6.81 -2.04 13.20
C CYS B 448 -6.73 -3.39 13.93
N LEU B 449 -7.63 -4.28 13.54
CA LEU B 449 -7.77 -5.56 14.23
C LEU B 449 -6.75 -6.58 13.76
N LEU B 450 -6.33 -6.49 12.50
CA LEU B 450 -5.41 -7.43 11.89
C LEU B 450 -4.59 -6.65 10.87
N PRO B 451 -3.29 -6.91 10.75
CA PRO B 451 -2.54 -6.31 9.65
C PRO B 451 -3.15 -6.75 8.32
N GLN B 452 -3.00 -5.89 7.30
CA GLN B 452 -3.54 -6.23 5.99
C GLN B 452 -2.95 -7.53 5.46
N GLU B 453 -1.69 -7.83 5.80
CA GLU B 453 -1.05 -9.04 5.31
C GLU B 453 -1.71 -10.29 5.89
N TRP B 454 -2.16 -10.21 7.15
CA TRP B 454 -2.95 -11.30 7.72
C TRP B 454 -4.31 -11.42 7.03
N VAL B 455 -4.97 -10.29 6.77
CA VAL B 455 -6.26 -10.33 6.08
C VAL B 455 -6.12 -11.10 4.78
N ALA B 456 -5.13 -10.73 3.96
CA ALA B 456 -4.97 -11.43 2.69
C ALA B 456 -4.54 -12.88 2.92
N HIS B 457 -3.70 -13.13 3.92
CA HIS B 457 -3.31 -14.50 4.24
C HIS B 457 -4.53 -15.37 4.50
N PHE B 458 -5.42 -14.94 5.40
CA PHE B 458 -6.59 -15.77 5.73
C PHE B 458 -7.51 -15.93 4.54
N TYR B 459 -7.70 -14.86 3.75
CA TYR B 459 -8.51 -14.98 2.54
C TYR B 459 -7.94 -16.04 1.61
N GLN B 460 -6.62 -16.03 1.41
CA GLN B 460 -5.98 -16.98 0.50
C GLN B 460 -6.04 -18.39 1.06
N GLU B 461 -5.71 -18.57 2.34
CA GLU B 461 -5.68 -19.91 2.92
C GLU B 461 -7.06 -20.54 2.94
N ALA B 462 -8.11 -19.73 3.10
CA ALA B 462 -9.48 -20.22 3.18
C ALA B 462 -9.57 -21.45 4.05
N ALA B 463 -8.86 -21.42 5.19
CA ALA B 463 -8.88 -22.53 6.13
C ALA B 463 -10.21 -22.57 6.88
N THR B 464 -10.44 -23.67 7.58
CA THR B 464 -11.61 -23.82 8.43
C THR B 464 -11.13 -23.74 9.86
N ALA B 465 -11.63 -22.76 10.61
CA ALA B 465 -11.24 -22.63 12.01
C ALA B 465 -11.72 -23.86 12.77
N GLN B 466 -10.80 -24.47 13.51
CA GLN B 466 -11.09 -25.70 14.24
C GLN B 466 -11.96 -25.42 15.47
N THR B 467 -11.67 -24.32 16.17
CA THR B 467 -12.46 -23.80 17.25
C THR B 467 -12.63 -22.31 17.03
N ASP B 468 -13.36 -21.67 17.93
CA ASP B 468 -13.58 -20.23 17.82
C ASP B 468 -12.35 -19.41 18.17
N VAL B 469 -11.28 -20.04 18.65
CA VAL B 469 -10.16 -19.29 19.21
C VAL B 469 -8.85 -20.00 18.91
N ALA B 470 -7.91 -19.30 18.29
CA ALA B 470 -6.58 -19.83 18.09
C ALA B 470 -5.65 -19.19 19.10
N LEU B 471 -4.94 -20.02 19.86
CA LEU B 471 -3.90 -19.51 20.74
C LEU B 471 -2.70 -19.17 19.87
N ILE B 472 -2.23 -17.93 19.95
CA ILE B 472 -1.07 -17.48 19.18
C ILE B 472 -0.05 -16.96 20.18
N ARG B 473 1.22 -17.08 19.82
CA ARG B 473 2.32 -16.72 20.71
C ARG B 473 3.26 -15.80 19.97
N PHE B 474 3.67 -14.73 20.65
CA PHE B 474 4.58 -13.74 20.10
C PHE B 474 5.99 -14.16 20.45
N VAL B 475 6.78 -14.53 19.45
CA VAL B 475 8.11 -15.10 19.66
C VAL B 475 9.17 -14.10 19.25
N ASN B 476 10.27 -14.08 19.99
CA ASN B 476 11.45 -13.34 19.58
C ASN B 476 12.37 -14.28 18.84
N PRO B 477 12.53 -14.15 17.51
CA PRO B 477 13.38 -15.10 16.78
C PRO B 477 14.85 -14.99 17.15
N ASP B 478 15.25 -13.92 17.83
CA ASP B 478 16.64 -13.80 18.25
C ASP B 478 16.98 -14.80 19.35
N THR B 479 15.98 -15.21 20.15
CA THR B 479 16.14 -16.23 21.16
C THR B 479 15.24 -17.43 20.93
N GLY B 480 14.24 -17.33 20.05
CA GLY B 480 13.21 -18.34 19.93
C GLY B 480 12.24 -18.40 21.09
N ARG B 481 12.34 -17.52 22.07
CA ARG B 481 11.48 -17.59 23.24
C ARG B 481 10.15 -16.87 23.03
N VAL B 482 9.12 -17.39 23.68
CA VAL B 482 7.80 -16.76 23.67
C VAL B 482 7.80 -15.57 24.61
N LEU B 483 7.39 -14.41 24.10
CA LEU B 483 7.33 -13.19 24.91
C LEU B 483 5.96 -12.95 25.52
N PHE B 484 4.88 -13.28 24.81
CA PHE B 484 3.54 -13.20 25.37
C PHE B 484 2.63 -14.02 24.46
N GLU B 485 1.39 -14.22 24.89
CA GLU B 485 0.44 -14.97 24.09
C GLU B 485 -0.89 -14.22 24.02
N GLY B 486 -1.71 -14.66 23.07
CA GLY B 486 -3.01 -14.03 22.86
C GLY B 486 -3.97 -15.02 22.26
N LYS B 487 -5.23 -14.62 22.21
CA LYS B 487 -6.29 -15.38 21.59
C LYS B 487 -6.67 -14.71 20.28
N LEU B 488 -6.52 -15.45 19.17
CA LEU B 488 -6.95 -14.98 17.86
C LEU B 488 -8.35 -15.52 17.59
N HIS B 489 -9.33 -14.63 17.63
CA HIS B 489 -10.73 -15.05 17.53
C HIS B 489 -11.15 -15.30 16.10
N LYS B 490 -12.06 -16.25 15.94
CA LYS B 490 -12.60 -16.58 14.62
C LYS B 490 -13.12 -15.35 13.90
N GLN B 491 -13.67 -14.38 14.64
CA GLN B 491 -14.21 -13.17 14.03
C GLN B 491 -13.12 -12.28 13.45
N GLY B 492 -11.87 -12.51 13.81
CA GLY B 492 -10.78 -11.77 13.21
C GLY B 492 -10.21 -10.66 14.06
N PHE B 493 -9.94 -10.95 15.33
CA PHE B 493 -9.27 -9.99 16.20
C PHE B 493 -8.57 -10.75 17.31
N ILE B 494 -7.69 -10.04 18.01
CA ILE B 494 -6.84 -10.63 19.04
C ILE B 494 -7.22 -10.07 20.40
N THR B 495 -7.25 -10.92 21.43
CA THR B 495 -7.30 -10.43 22.80
C THR B 495 -6.07 -10.91 23.55
N ILE B 496 -5.68 -10.11 24.56
CA ILE B 496 -4.58 -10.42 25.47
C ILE B 496 -5.09 -10.22 26.89
N SER B 497 -4.41 -10.85 27.84
CA SER B 497 -4.71 -10.61 29.26
C SER B 497 -3.91 -9.40 29.70
N ASN B 498 -4.59 -8.27 29.85
CA ASN B 498 -3.94 -6.99 30.10
C ASN B 498 -4.99 -5.96 30.41
N SER B 499 -4.61 -4.96 31.19
CA SER B 499 -5.50 -3.87 31.59
C SER B 499 -4.82 -2.53 31.34
N GLY B 500 -5.57 -1.60 30.78
CA GLY B 500 -5.10 -0.25 30.58
C GLY B 500 -4.92 0.08 29.12
N ASP B 501 -4.68 1.36 28.86
CA ASP B 501 -4.48 1.90 27.52
C ASP B 501 -2.99 2.23 27.36
N HIS B 502 -2.29 1.50 26.50
CA HIS B 502 -0.86 1.73 26.34
C HIS B 502 -0.35 0.93 25.15
N PRO B 503 0.80 1.33 24.59
CA PRO B 503 1.48 0.48 23.63
C PRO B 503 1.87 -0.84 24.28
N ILE B 504 2.01 -1.87 23.44
CA ILE B 504 2.61 -3.14 23.86
C ILE B 504 3.99 -3.18 23.20
N VAL B 505 5.01 -2.85 23.98
CA VAL B 505 6.36 -2.66 23.46
C VAL B 505 7.06 -4.01 23.45
N MET B 506 7.69 -4.33 22.33
CA MET B 506 8.23 -5.67 22.13
C MET B 506 9.44 -5.58 21.22
N PRO B 507 10.34 -6.55 21.27
CA PRO B 507 11.48 -6.58 20.35
C PRO B 507 11.04 -6.51 18.89
N ALA B 508 11.81 -5.76 18.09
CA ALA B 508 11.40 -5.39 16.74
C ALA B 508 11.26 -6.60 15.83
N ASN B 509 12.00 -7.66 16.11
CA ASN B 509 12.02 -8.84 15.27
C ASN B 509 10.92 -9.83 15.59
N GLY B 510 10.13 -9.55 16.63
CA GLY B 510 9.15 -10.51 17.09
C GLY B 510 7.98 -10.64 16.14
N TYR B 511 7.38 -11.82 16.15
CA TYR B 511 6.20 -12.09 15.32
C TYR B 511 5.33 -13.12 16.01
N PHE B 512 4.06 -13.12 15.65
CA PHE B 512 3.12 -14.11 16.16
C PHE B 512 3.23 -15.42 15.38
N ARG B 513 3.08 -16.53 16.09
CA ARG B 513 2.91 -17.80 15.41
C ARG B 513 1.78 -18.58 16.07
N PHE B 514 1.08 -19.35 15.26
CA PHE B 514 -0.02 -20.16 15.74
C PHE B 514 0.50 -21.24 16.69
N GLU B 515 -0.18 -21.44 17.81
CA GLU B 515 0.19 -22.50 18.74
C GLU B 515 -0.81 -23.65 18.76
N ALA B 516 -2.10 -23.37 18.93
CA ALA B 516 -3.10 -24.44 19.03
C ALA B 516 -4.48 -23.82 19.01
N TRP B 517 -5.47 -24.63 18.64
CA TRP B 517 -6.85 -24.23 18.75
C TRP B 517 -7.32 -24.44 20.19
N VAL B 518 -7.89 -23.41 20.79
CA VAL B 518 -8.37 -23.52 22.18
C VAL B 518 -9.79 -22.97 22.25
N LYS B 519 -10.29 -22.75 23.46
CA LYS B 519 -11.65 -22.31 23.67
C LYS B 519 -11.67 -20.88 24.24
N GLN B 520 -12.88 -20.32 24.28
CA GLN B 520 -13.04 -18.96 24.81
C GLN B 520 -12.55 -18.82 26.23
N PHE B 521 -12.60 -19.92 27.00
CA PHE B 521 -12.24 -19.87 28.40
C PHE B 521 -10.77 -20.18 28.66
N TYR B 522 -9.96 -20.32 27.62
CA TYR B 522 -8.53 -20.50 27.84
C TYR B 522 -7.97 -19.31 28.60
N SER B 523 -7.26 -19.58 29.69
CA SER B 523 -6.77 -18.50 30.54
C SER B 523 -5.36 -18.12 30.07
N LEU B 524 -5.22 -16.91 29.54
CA LEU B 524 -3.94 -16.47 29.00
C LEU B 524 -2.99 -16.06 30.11
N ALA B 525 -1.71 -16.29 29.89
CA ALA B 525 -0.71 -15.69 30.74
C ALA B 525 -0.79 -14.17 30.61
N PRO B 526 -0.83 -13.43 31.71
CA PRO B 526 -0.82 -11.98 31.62
C PRO B 526 0.36 -11.48 30.79
N VAL B 527 0.14 -10.40 30.04
CA VAL B 527 1.21 -9.75 29.32
C VAL B 527 1.98 -8.88 30.29
#